data_7NMK
#
_entry.id   7NMK
#
_cell.length_a   69.866
_cell.length_b   69.866
_cell.length_c   95.644
_cell.angle_alpha   90.00
_cell.angle_beta   90.00
_cell.angle_gamma   120.00
#
_symmetry.space_group_name_H-M   'P 31 2 1'
#
loop_
_entity.id
_entity.type
_entity.pdbx_description
1 polymer '2-heptyl-1-hydroxyquinolin-4(1H)-one methyltransferase'
2 non-polymer S-ADENOSYL-L-HOMOCYSTEINE
3 non-polymer 1-methoxy-4-oxoquinoline
4 non-polymer 'SODIUM ION'
5 non-polymer 'FORMIC ACID'
6 water water
#
_entity_poly.entity_id   1
_entity_poly.type   'polypeptide(L)'
_entity_poly.pdbx_seq_one_letter_code
;MGSSHHHHHHHHENLYFQSAGTESLDLEFESAYRGESVAFGEGVRPPWSIGEPQPELAALIVQGKFRGDVLDVGCGEAAI
SLALAERGHTTVGLDLSPAAVELARHEAAKRGLANASFEVADASSFTGYDGRFDTIVDSTLFHSMPVESREGYLQSIVRA
AAPGASYFVLVFDRAAIPEGPINAVTEDELRAAVSKYWIIDEIKPARLYARFPAGFAGMPALLDIREEPNGLQSIGGWLL
SAHLG
;
_entity_poly.pdbx_strand_id   A
#
# COMPACT_ATOMS: atom_id res chain seq x y z
N GLU A 23 9.17 13.18 12.37
CA GLU A 23 9.71 13.09 11.02
C GLU A 23 8.64 13.05 9.94
N SER A 24 9.08 13.22 8.68
CA SER A 24 8.13 13.38 7.61
C SER A 24 8.76 13.02 6.30
N LEU A 25 8.08 12.20 5.51
CA LEU A 25 8.59 11.78 4.20
C LEU A 25 7.91 12.49 3.04
N ASP A 26 7.10 13.48 3.32
CA ASP A 26 6.33 14.11 2.26
C ASP A 26 7.16 14.62 1.08
N LEU A 27 8.27 15.32 1.36
CA LEU A 27 9.07 15.88 0.27
C LEU A 27 9.72 14.77 -0.54
N GLU A 28 10.19 13.69 0.11
CA GLU A 28 10.85 12.60 -0.60
C GLU A 28 9.87 11.89 -1.49
N PHE A 29 8.63 11.62 -1.00
CA PHE A 29 7.68 10.95 -1.89
C PHE A 29 7.32 11.81 -3.11
N GLU A 30 7.11 13.10 -2.90
CA GLU A 30 6.76 13.97 -4.02
C GLU A 30 7.93 14.00 -5.03
N SER A 31 9.18 14.14 -4.55
CA SER A 31 10.35 14.17 -5.43
C SER A 31 10.47 12.84 -6.20
N ALA A 32 10.31 11.70 -5.52
CA ALA A 32 10.42 10.40 -6.18
C ALA A 32 9.38 10.27 -7.30
N TYR A 33 8.14 10.69 -7.05
CA TYR A 33 7.09 10.60 -8.05
C TYR A 33 7.33 11.55 -9.23
N ARG A 34 7.95 12.71 -8.99
CA ARG A 34 8.23 13.65 -10.07
C ARG A 34 9.41 13.17 -10.94
N GLY A 35 10.18 12.22 -10.44
CA GLY A 35 11.30 11.61 -11.15
C GLY A 35 12.58 12.39 -10.99
N GLU A 36 12.63 13.19 -9.90
CA GLU A 36 13.73 14.10 -9.47
C GLU A 36 14.25 15.00 -10.61
N VAL A 44 14.08 9.00 -13.70
CA VAL A 44 14.09 7.66 -13.09
C VAL A 44 12.85 7.49 -12.22
N ARG A 45 12.27 6.31 -12.27
CA ARG A 45 11.02 6.06 -11.56
C ARG A 45 11.20 5.46 -10.17
N PRO A 46 10.24 5.65 -9.23
CA PRO A 46 10.39 5.02 -7.93
C PRO A 46 10.54 3.51 -8.06
N PRO A 47 11.43 2.88 -7.28
CA PRO A 47 11.60 1.42 -7.40
C PRO A 47 10.33 0.62 -7.12
N TRP A 48 9.42 1.16 -6.28
CA TRP A 48 8.19 0.42 -5.94
C TRP A 48 7.12 0.59 -7.00
N SER A 49 7.29 1.50 -7.96
CA SER A 49 6.28 1.71 -9.02
C SER A 49 6.60 0.70 -10.13
N ILE A 50 6.30 -0.56 -9.84
CA ILE A 50 6.68 -1.69 -10.68
C ILE A 50 5.78 -1.86 -11.91
N GLY A 51 4.73 -1.05 -12.05
CA GLY A 51 3.87 -1.11 -13.24
C GLY A 51 2.86 -2.23 -13.24
N GLU A 52 2.65 -2.84 -12.08
CA GLU A 52 1.69 -3.91 -11.89
C GLU A 52 1.36 -3.92 -10.40
N PRO A 53 0.27 -4.56 -9.97
CA PRO A 53 0.04 -4.69 -8.53
C PRO A 53 1.18 -5.50 -7.89
N GLN A 54 1.44 -5.26 -6.62
CA GLN A 54 2.42 -6.09 -5.94
C GLN A 54 2.00 -7.54 -6.07
N PRO A 55 2.93 -8.42 -6.45
CA PRO A 55 2.54 -9.84 -6.63
C PRO A 55 1.77 -10.47 -5.48
N GLU A 56 2.12 -10.16 -4.22
CA GLU A 56 1.42 -10.80 -3.09
C GLU A 56 -0.04 -10.40 -3.04
N LEU A 57 -0.33 -9.17 -3.50
CA LEU A 57 -1.70 -8.70 -3.53
C LEU A 57 -2.42 -9.18 -4.79
N ALA A 58 -1.71 -9.28 -5.94
CA ALA A 58 -2.32 -9.84 -7.15
C ALA A 58 -2.81 -11.27 -6.89
N ALA A 59 -2.06 -12.05 -6.08
CA ALA A 59 -2.47 -13.42 -5.77
C ALA A 59 -3.82 -13.41 -5.00
N LEU A 60 -4.02 -12.42 -4.10
CA LEU A 60 -5.31 -12.35 -3.38
C LEU A 60 -6.43 -11.97 -4.34
N ILE A 61 -6.16 -11.09 -5.34
CA ILE A 61 -7.18 -10.75 -6.32
C ILE A 61 -7.61 -12.00 -7.10
N VAL A 62 -6.65 -12.79 -7.58
CA VAL A 62 -7.02 -13.99 -8.34
C VAL A 62 -7.80 -15.02 -7.46
N GLN A 63 -7.58 -15.02 -6.14
CA GLN A 63 -8.30 -15.87 -5.19
C GLN A 63 -9.74 -15.38 -4.93
N GLY A 64 -10.10 -14.23 -5.50
CA GLY A 64 -11.43 -13.64 -5.37
C GLY A 64 -11.60 -12.90 -4.07
N LYS A 65 -10.51 -12.45 -3.42
CA LYS A 65 -10.61 -11.79 -2.12
C LYS A 65 -11.02 -10.33 -2.19
N PHE A 66 -10.92 -9.70 -3.38
CA PHE A 66 -11.28 -8.29 -3.55
C PHE A 66 -12.71 -8.18 -3.99
N ARG A 67 -13.50 -7.41 -3.24
CA ARG A 67 -14.91 -7.33 -3.53
C ARG A 67 -15.45 -5.93 -3.48
N GLY A 68 -16.45 -5.65 -4.31
CA GLY A 68 -17.16 -4.40 -4.28
C GLY A 68 -16.35 -3.17 -4.52
N ASP A 69 -16.69 -2.08 -3.83
CA ASP A 69 -15.95 -0.82 -3.98
C ASP A 69 -14.68 -0.90 -3.19
N VAL A 70 -13.55 -0.55 -3.86
CA VAL A 70 -12.24 -0.70 -3.23
C VAL A 70 -11.58 0.60 -2.94
N LEU A 71 -10.95 0.71 -1.77
CA LEU A 71 -10.09 1.85 -1.43
C LEU A 71 -8.64 1.38 -1.48
N ASP A 72 -7.81 2.05 -2.30
CA ASP A 72 -6.38 1.80 -2.43
C ASP A 72 -5.77 2.96 -1.63
N VAL A 73 -5.38 2.70 -0.39
CA VAL A 73 -4.98 3.74 0.53
C VAL A 73 -3.44 3.92 0.48
N GLY A 74 -2.99 5.16 0.29
CA GLY A 74 -1.58 5.44 -0.01
C GLY A 74 -1.28 4.83 -1.37
N CYS A 75 -2.14 5.15 -2.37
CA CYS A 75 -2.16 4.45 -3.63
C CYS A 75 -0.94 4.62 -4.51
N GLY A 76 -0.16 5.69 -4.35
CA GLY A 76 0.94 5.94 -5.28
C GLY A 76 0.45 6.03 -6.71
N GLU A 77 1.18 5.39 -7.64
CA GLU A 77 0.76 5.35 -9.04
C GLU A 77 -0.40 4.39 -9.28
N ALA A 78 -0.80 3.63 -8.24
CA ALA A 78 -2.08 2.92 -8.18
C ALA A 78 -2.25 1.80 -9.18
N ALA A 79 -1.18 1.02 -9.41
CA ALA A 79 -1.34 -0.10 -10.34
C ALA A 79 -2.45 -1.04 -9.88
N ILE A 80 -2.60 -1.24 -8.56
CA ILE A 80 -3.64 -2.16 -8.10
C ILE A 80 -5.04 -1.57 -8.33
N SER A 81 -5.21 -0.24 -8.18
CA SER A 81 -6.52 0.38 -8.49
C SER A 81 -6.84 0.14 -9.93
N LEU A 82 -5.86 0.32 -10.81
CA LEU A 82 -6.09 0.19 -12.25
C LEU A 82 -6.48 -1.22 -12.62
N ALA A 83 -5.77 -2.20 -12.04
CA ALA A 83 -6.11 -3.59 -12.33
C ALA A 83 -7.52 -3.92 -11.82
N LEU A 84 -7.90 -3.40 -10.64
CA LEU A 84 -9.23 -3.68 -10.12
C LEU A 84 -10.32 -2.97 -10.91
N ALA A 85 -10.04 -1.75 -11.38
CA ALA A 85 -11.00 -1.02 -12.20
C ALA A 85 -11.22 -1.75 -13.54
N GLU A 86 -10.17 -2.35 -14.11
CA GLU A 86 -10.26 -3.10 -15.38
C GLU A 86 -11.11 -4.36 -15.18
N ARG A 87 -11.19 -4.85 -13.93
CA ARG A 87 -11.99 -6.02 -13.63
C ARG A 87 -13.43 -5.67 -13.29
N GLY A 88 -13.77 -4.38 -13.28
CA GLY A 88 -15.14 -3.97 -13.02
C GLY A 88 -15.40 -3.32 -11.67
N HIS A 89 -14.39 -3.21 -10.81
CA HIS A 89 -14.62 -2.57 -9.52
C HIS A 89 -14.62 -1.06 -9.63
N THR A 90 -15.46 -0.39 -8.83
CA THR A 90 -15.32 1.06 -8.66
C THR A 90 -14.25 1.22 -7.59
N THR A 91 -13.21 1.99 -7.92
CA THR A 91 -12.07 2.17 -7.04
C THR A 91 -11.78 3.61 -6.71
N VAL A 92 -11.29 3.86 -5.49
CA VAL A 92 -10.82 5.18 -5.08
C VAL A 92 -9.41 4.95 -4.57
N GLY A 93 -8.49 5.80 -5.00
CA GLY A 93 -7.12 5.78 -4.50
C GLY A 93 -6.85 7.08 -3.78
N LEU A 94 -6.30 7.03 -2.54
CA LEU A 94 -5.93 8.23 -1.81
C LEU A 94 -4.43 8.28 -1.59
N ASP A 95 -3.82 9.45 -1.76
CA ASP A 95 -2.41 9.56 -1.46
C ASP A 95 -2.13 10.99 -1.02
N LEU A 96 -1.13 11.16 -0.15
CA LEU A 96 -0.75 12.49 0.33
C LEU A 96 0.03 13.26 -0.71
N SER A 97 0.63 12.55 -1.67
CA SER A 97 1.44 13.17 -2.73
C SER A 97 0.59 13.62 -3.91
N PRO A 98 0.50 14.95 -4.18
CA PRO A 98 -0.21 15.38 -5.40
C PRO A 98 0.42 14.78 -6.67
N ALA A 99 1.76 14.59 -6.75
CA ALA A 99 2.33 13.97 -7.95
C ALA A 99 1.85 12.56 -8.13
N ALA A 100 1.74 11.77 -7.04
CA ALA A 100 1.24 10.39 -7.15
C ALA A 100 -0.18 10.40 -7.68
N VAL A 101 -1.05 11.27 -7.11
CA VAL A 101 -2.46 11.34 -7.55
C VAL A 101 -2.53 11.71 -9.02
N GLU A 102 -1.70 12.67 -9.46
CA GLU A 102 -1.70 13.04 -10.87
C GLU A 102 -1.26 11.88 -11.76
N LEU A 103 -0.23 11.15 -11.34
CA LEU A 103 0.22 9.98 -12.12
C LEU A 103 -0.85 8.90 -12.22
N ALA A 104 -1.54 8.62 -11.11
CA ALA A 104 -2.59 7.61 -11.09
C ALA A 104 -3.72 8.03 -12.03
N ARG A 105 -4.14 9.30 -11.96
CA ARG A 105 -5.20 9.83 -12.84
C ARG A 105 -4.76 9.78 -14.28
N HIS A 106 -3.47 10.06 -14.55
CA HIS A 106 -2.95 10.06 -15.92
C HIS A 106 -3.00 8.68 -16.51
N GLU A 107 -2.58 7.66 -15.75
CA GLU A 107 -2.62 6.30 -16.24
C GLU A 107 -4.04 5.80 -16.41
N ALA A 108 -4.95 6.12 -15.47
CA ALA A 108 -6.34 5.68 -15.64
C ALA A 108 -6.92 6.32 -16.92
N ALA A 109 -6.61 7.62 -17.18
CA ALA A 109 -7.13 8.33 -18.35
C ALA A 109 -6.58 7.75 -19.64
N LYS A 110 -5.27 7.41 -19.66
CA LYS A 110 -4.66 6.80 -20.85
C LYS A 110 -5.34 5.47 -21.20
N ARG A 111 -5.81 4.74 -20.17
CA ARG A 111 -6.51 3.46 -20.32
C ARG A 111 -8.01 3.59 -20.55
N GLY A 112 -8.52 4.81 -20.43
CA GLY A 112 -9.94 5.08 -20.62
C GLY A 112 -10.78 4.49 -19.51
N LEU A 113 -10.25 4.45 -18.27
CA LEU A 113 -11.01 3.89 -17.17
C LEU A 113 -11.98 4.94 -16.61
N ALA A 114 -13.24 4.59 -16.43
CA ALA A 114 -14.22 5.53 -15.86
C ALA A 114 -14.45 5.23 -14.37
N ASN A 115 -14.09 4.02 -13.97
CA ASN A 115 -14.30 3.35 -12.68
C ASN A 115 -13.33 3.75 -11.59
N ALA A 116 -12.18 4.35 -11.94
CA ALA A 116 -11.12 4.68 -10.99
C ALA A 116 -10.98 6.16 -10.72
N SER A 117 -11.05 6.58 -9.45
CA SER A 117 -10.82 7.99 -9.14
CA SER A 117 -10.93 7.97 -9.01
C SER A 117 -9.79 8.08 -8.02
N PHE A 118 -9.19 9.27 -7.91
CA PHE A 118 -8.09 9.51 -7.00
C PHE A 118 -8.25 10.83 -6.35
N GLU A 119 -7.77 10.95 -5.12
CA GLU A 119 -7.82 12.20 -4.38
C GLU A 119 -6.59 12.35 -3.52
N VAL A 120 -6.17 13.59 -3.32
CA VAL A 120 -5.09 13.88 -2.38
C VAL A 120 -5.73 13.90 -0.98
N ALA A 121 -5.20 13.09 -0.07
CA ALA A 121 -5.71 13.02 1.29
C ALA A 121 -4.65 12.41 2.17
N ASP A 122 -4.78 12.68 3.47
CA ASP A 122 -3.90 12.13 4.49
C ASP A 122 -4.63 10.92 5.04
N ALA A 123 -4.08 9.73 4.78
CA ALA A 123 -4.67 8.48 5.26
C ALA A 123 -4.85 8.42 6.76
N SER A 124 -4.06 9.19 7.51
CA SER A 124 -4.15 9.19 8.98
C SER A 124 -5.26 10.09 9.50
N SER A 125 -5.89 10.89 8.61
CA SER A 125 -6.92 11.83 9.01
C SER A 125 -7.71 12.24 7.78
N PHE A 126 -8.63 11.39 7.35
CA PHE A 126 -9.51 11.72 6.22
C PHE A 126 -10.93 11.31 6.55
N THR A 127 -11.88 11.99 5.93
CA THR A 127 -13.31 11.74 6.08
C THR A 127 -13.96 11.83 4.69
N GLY A 128 -15.29 11.78 4.64
CA GLY A 128 -16.01 11.91 3.38
C GLY A 128 -16.39 10.62 2.69
N TYR A 129 -16.00 9.45 3.27
CA TYR A 129 -16.29 8.15 2.68
C TYR A 129 -16.92 7.19 3.69
N ASP A 130 -17.78 7.68 4.61
CA ASP A 130 -18.33 6.82 5.64
C ASP A 130 -19.07 5.60 5.10
N GLY A 131 -18.64 4.42 5.54
CA GLY A 131 -19.23 3.13 5.17
C GLY A 131 -19.18 2.81 3.68
N ARG A 132 -18.24 3.41 2.96
N ARG A 132 -18.25 3.40 2.93
CA ARG A 132 -18.16 3.27 1.51
CA ARG A 132 -18.21 3.26 1.48
C ARG A 132 -17.60 1.96 0.99
C ARG A 132 -17.50 2.06 0.88
N PHE A 133 -16.47 1.53 1.53
CA PHE A 133 -15.67 0.47 0.91
C PHE A 133 -15.86 -0.92 1.41
N ASP A 134 -15.92 -1.87 0.47
CA ASP A 134 -16.02 -3.30 0.77
C ASP A 134 -14.67 -3.95 0.89
N THR A 135 -13.64 -3.34 0.26
CA THR A 135 -12.28 -3.81 0.39
C THR A 135 -11.37 -2.61 0.54
N ILE A 136 -10.44 -2.66 1.49
CA ILE A 136 -9.42 -1.64 1.69
C ILE A 136 -8.08 -2.31 1.56
N VAL A 137 -7.23 -1.79 0.68
CA VAL A 137 -5.92 -2.37 0.48
C VAL A 137 -4.85 -1.32 0.75
N ASP A 138 -3.89 -1.70 1.58
CA ASP A 138 -2.71 -0.91 1.94
C ASP A 138 -1.52 -1.62 1.31
N SER A 139 -1.09 -1.09 0.17
CA SER A 139 0.04 -1.68 -0.55
C SER A 139 1.29 -0.86 -0.17
N THR A 140 1.89 -1.20 0.98
CA THR A 140 3.13 -0.60 1.47
C THR A 140 2.97 0.85 1.96
N LEU A 141 1.72 1.32 2.21
CA LEU A 141 1.55 2.58 2.89
C LEU A 141 1.91 2.39 4.41
N PHE A 142 1.59 1.24 4.99
CA PHE A 142 1.63 1.10 6.44
C PHE A 142 2.90 1.62 7.09
N HIS A 143 4.06 1.25 6.54
CA HIS A 143 5.37 1.65 7.10
C HIS A 143 5.82 3.02 6.65
N SER A 144 5.01 3.69 5.81
CA SER A 144 5.37 4.97 5.18
C SER A 144 4.81 6.17 5.93
N MET A 145 4.28 5.94 7.15
CA MET A 145 3.78 7.02 8.01
CA MET A 145 3.74 6.98 8.02
C MET A 145 4.41 6.83 9.39
N PRO A 146 4.43 7.87 10.22
CA PRO A 146 4.98 7.73 11.57
C PRO A 146 4.17 6.70 12.36
N VAL A 147 4.80 6.06 13.33
CA VAL A 147 4.13 5.10 14.22
C VAL A 147 2.92 5.79 14.87
N GLU A 148 3.09 7.06 15.32
CA GLU A 148 2.02 7.81 16.02
C GLU A 148 0.80 8.07 15.15
N SER A 149 0.93 7.94 13.82
CA SER A 149 -0.16 8.16 12.90
C SER A 149 -1.02 6.93 12.69
N ARG A 150 -0.56 5.75 13.13
CA ARG A 150 -1.27 4.49 12.85
C ARG A 150 -2.71 4.46 13.38
N GLU A 151 -2.90 4.95 14.60
CA GLU A 151 -4.25 4.91 15.15
CA GLU A 151 -4.22 5.02 15.26
C GLU A 151 -5.23 5.80 14.40
N GLY A 152 -4.82 7.01 13.99
CA GLY A 152 -5.68 7.88 13.21
C GLY A 152 -5.99 7.26 11.85
N TYR A 153 -4.98 6.63 11.26
CA TYR A 153 -5.14 5.92 10.00
C TYR A 153 -6.15 4.77 10.15
N LEU A 154 -5.98 3.89 11.16
CA LEU A 154 -6.86 2.75 11.32
C LEU A 154 -8.30 3.20 11.62
N GLN A 155 -8.45 4.28 12.41
CA GLN A 155 -9.77 4.83 12.70
C GLN A 155 -10.39 5.38 11.42
N SER A 156 -9.56 6.04 10.57
CA SER A 156 -10.07 6.63 9.33
C SER A 156 -10.54 5.56 8.35
N ILE A 157 -9.76 4.49 8.19
CA ILE A 157 -10.17 3.46 7.24
C ILE A 157 -11.36 2.64 7.77
N VAL A 158 -11.46 2.42 9.11
CA VAL A 158 -12.62 1.68 9.63
CA VAL A 158 -12.62 1.66 9.59
C VAL A 158 -13.89 2.53 9.43
N ARG A 159 -13.77 3.85 9.62
CA ARG A 159 -14.91 4.75 9.42
C ARG A 159 -15.35 4.69 7.93
N ALA A 160 -14.39 4.52 7.02
CA ALA A 160 -14.66 4.44 5.58
C ALA A 160 -15.11 3.05 5.09
N ALA A 161 -15.22 2.07 5.99
CA ALA A 161 -15.52 0.70 5.64
C ALA A 161 -16.99 0.35 5.76
N ALA A 162 -17.50 -0.39 4.78
CA ALA A 162 -18.86 -0.90 4.77
C ALA A 162 -18.89 -2.11 5.70
N PRO A 163 -20.08 -2.53 6.16
CA PRO A 163 -20.16 -3.74 6.97
C PRO A 163 -19.56 -4.93 6.21
N GLY A 164 -18.81 -5.76 6.93
CA GLY A 164 -18.23 -6.97 6.36
C GLY A 164 -17.02 -6.71 5.49
N ALA A 165 -16.50 -5.47 5.47
CA ALA A 165 -15.34 -5.13 4.64
C ALA A 165 -14.11 -5.99 4.91
N SER A 166 -13.32 -6.26 3.86
CA SER A 166 -12.01 -6.92 4.00
C SER A 166 -10.90 -5.85 3.98
N TYR A 167 -9.79 -6.15 4.65
CA TYR A 167 -8.63 -5.25 4.73
C TYR A 167 -7.37 -6.07 4.49
N PHE A 168 -6.50 -5.60 3.58
CA PHE A 168 -5.27 -6.32 3.26
C PHE A 168 -4.12 -5.34 3.38
N VAL A 169 -3.05 -5.76 4.08
CA VAL A 169 -1.86 -4.92 4.26
C VAL A 169 -0.63 -5.65 3.81
N LEU A 170 0.21 -4.99 3.02
CA LEU A 170 1.52 -5.49 2.66
C LEU A 170 2.51 -4.48 3.21
N VAL A 171 3.42 -4.93 4.10
CA VAL A 171 4.27 -4.03 4.85
C VAL A 171 5.65 -4.62 5.08
N PHE A 172 6.68 -3.77 5.17
CA PHE A 172 8.01 -4.27 5.44
C PHE A 172 8.13 -4.92 6.81
N ASP A 173 9.03 -5.89 6.90
CA ASP A 173 9.35 -6.57 8.14
C ASP A 173 10.51 -5.80 8.77
N ARG A 174 10.40 -5.54 10.08
CA ARG A 174 11.45 -4.85 10.86
C ARG A 174 12.77 -5.67 10.84
N ALA A 175 12.67 -6.99 10.64
CA ALA A 175 13.90 -7.79 10.52
C ALA A 175 14.70 -7.40 9.27
N ALA A 176 14.01 -6.85 8.24
CA ALA A 176 14.62 -6.48 6.97
C ALA A 176 14.94 -5.00 6.87
N ILE A 177 14.13 -4.14 7.51
CA ILE A 177 14.25 -2.68 7.38
C ILE A 177 14.38 -2.12 8.79
N PRO A 178 15.49 -1.42 9.07
CA PRO A 178 15.80 -0.98 10.43
C PRO A 178 15.02 0.22 10.90
N GLU A 179 15.28 0.63 12.12
CA GLU A 179 14.71 1.86 12.66
C GLU A 179 15.30 3.01 11.86
N GLY A 180 14.43 3.90 11.41
CA GLY A 180 14.87 5.03 10.61
C GLY A 180 13.67 5.66 9.93
N PRO A 181 13.85 6.15 8.68
CA PRO A 181 12.71 6.83 8.02
C PRO A 181 11.52 5.94 7.79
N ILE A 182 11.75 4.62 7.63
CA ILE A 182 10.69 3.66 7.35
C ILE A 182 10.33 2.91 8.62
N ASN A 183 9.02 2.85 8.95
CA ASN A 183 8.57 2.22 10.18
C ASN A 183 8.06 0.83 9.92
N ALA A 184 9.00 -0.06 9.56
CA ALA A 184 8.70 -1.46 9.33
C ALA A 184 8.30 -2.11 10.67
N VAL A 185 7.60 -3.25 10.61
CA VAL A 185 7.01 -3.86 11.80
C VAL A 185 7.42 -5.28 12.04
N THR A 186 7.32 -5.69 13.31
CA THR A 186 7.45 -7.11 13.60
C THR A 186 6.03 -7.68 13.44
N GLU A 187 5.92 -9.00 13.40
CA GLU A 187 4.62 -9.66 13.33
C GLU A 187 3.74 -9.28 14.55
N ASP A 188 4.32 -9.32 15.77
CA ASP A 188 3.56 -8.99 16.98
C ASP A 188 3.10 -7.54 16.97
N GLU A 189 3.96 -6.63 16.49
CA GLU A 189 3.62 -5.21 16.43
C GLU A 189 2.48 -4.98 15.46
N LEU A 190 2.55 -5.61 14.27
CA LEU A 190 1.50 -5.44 13.30
C LEU A 190 0.16 -6.00 13.84
N ARG A 191 0.20 -7.18 14.45
CA ARG A 191 -1.00 -7.79 15.02
CA ARG A 191 -0.99 -7.79 15.02
C ARG A 191 -1.58 -6.88 16.10
N ALA A 192 -0.73 -6.33 16.99
CA ALA A 192 -1.23 -5.48 18.08
C ALA A 192 -1.88 -4.22 17.55
N ALA A 193 -1.30 -3.62 16.51
CA ALA A 193 -1.85 -2.38 15.95
C ALA A 193 -3.16 -2.61 15.24
N VAL A 194 -3.25 -3.66 14.40
CA VAL A 194 -4.41 -3.88 13.56
C VAL A 194 -5.55 -4.58 14.29
N SER A 195 -5.25 -5.52 15.21
CA SER A 195 -6.31 -6.28 15.89
C SER A 195 -7.22 -5.41 16.73
N LYS A 196 -6.78 -4.20 17.06
CA LYS A 196 -7.62 -3.27 17.80
C LYS A 196 -8.81 -2.81 16.93
N TYR A 197 -8.68 -2.88 15.60
CA TYR A 197 -9.67 -2.33 14.66
C TYR A 197 -10.33 -3.32 13.73
N TRP A 198 -9.67 -4.46 13.50
CA TRP A 198 -10.14 -5.45 12.53
C TRP A 198 -9.98 -6.84 13.10
N ILE A 199 -10.74 -7.80 12.55
CA ILE A 199 -10.57 -9.21 12.91
C ILE A 199 -9.51 -9.75 11.96
N ILE A 200 -8.38 -10.18 12.52
CA ILE A 200 -7.27 -10.67 11.71
C ILE A 200 -7.47 -12.12 11.36
N ASP A 201 -7.44 -12.42 10.06
CA ASP A 201 -7.57 -13.78 9.52
C ASP A 201 -6.21 -14.44 9.33
N GLU A 202 -5.20 -13.66 8.93
CA GLU A 202 -3.89 -14.21 8.67
C GLU A 202 -2.84 -13.14 8.66
N ILE A 203 -1.65 -13.51 9.14
CA ILE A 203 -0.42 -12.73 9.00
C ILE A 203 0.62 -13.74 8.60
N LYS A 204 1.23 -13.53 7.43
CA LYS A 204 2.28 -14.44 6.98
C LYS A 204 3.42 -13.68 6.36
N PRO A 205 4.61 -14.29 6.29
CA PRO A 205 5.72 -13.63 5.61
C PRO A 205 5.37 -13.41 4.14
N ALA A 206 5.87 -12.32 3.61
CA ALA A 206 5.62 -11.92 2.23
C ALA A 206 6.83 -11.22 1.64
N ARG A 207 6.82 -11.04 0.32
CA ARG A 207 7.87 -10.32 -0.38
C ARG A 207 7.30 -9.04 -0.89
N LEU A 208 8.08 -7.95 -0.82
CA LEU A 208 7.72 -6.65 -1.39
C LEU A 208 8.68 -6.45 -2.54
N TYR A 209 8.13 -6.32 -3.75
CA TYR A 209 8.91 -6.24 -4.97
C TYR A 209 9.25 -4.84 -5.38
N ALA A 210 10.40 -4.68 -6.00
CA ALA A 210 10.83 -3.35 -6.48
C ALA A 210 11.82 -3.53 -7.59
N ARG A 211 12.13 -2.44 -8.30
CA ARG A 211 13.20 -2.46 -9.32
C ARG A 211 14.21 -1.46 -8.82
N PHE A 212 15.27 -1.94 -8.15
CA PHE A 212 16.28 -1.04 -7.61
C PHE A 212 17.39 -0.71 -8.60
N PRO A 213 17.97 0.50 -8.52
CA PRO A 213 19.13 0.83 -9.37
C PRO A 213 20.31 -0.04 -9.02
N ALA A 214 21.27 -0.16 -9.95
CA ALA A 214 22.49 -0.91 -9.67
C ALA A 214 23.24 -0.29 -8.49
N GLY A 215 23.72 -1.15 -7.61
CA GLY A 215 24.50 -0.76 -6.44
C GLY A 215 23.70 -0.21 -5.28
N PHE A 216 22.35 -0.37 -5.35
CA PHE A 216 21.47 0.11 -4.33
C PHE A 216 21.87 -0.46 -2.98
N ALA A 217 21.97 0.42 -2.02
CA ALA A 217 22.29 0.17 -0.61
C ALA A 217 23.72 -0.32 -0.37
N GLY A 218 24.60 -0.12 -1.35
CA GLY A 218 26.03 -0.35 -1.16
C GLY A 218 26.63 -1.64 -1.65
N MET A 219 27.96 -1.68 -1.54
CA MET A 219 28.74 -2.85 -1.87
CA MET A 219 28.80 -2.79 -1.93
C MET A 219 29.84 -3.07 -0.83
N PRO A 220 29.68 -4.05 0.11
CA PRO A 220 28.53 -4.95 0.29
C PRO A 220 27.26 -4.19 0.66
N ALA A 221 26.12 -4.79 0.34
CA ALA A 221 24.86 -4.14 0.61
C ALA A 221 24.52 -4.13 2.08
N LEU A 222 23.93 -3.04 2.55
CA LEU A 222 23.53 -2.88 3.96
C LEU A 222 22.19 -3.53 4.27
N LEU A 223 21.46 -3.93 3.22
CA LEU A 223 20.14 -4.57 3.34
C LEU A 223 20.18 -5.88 2.62
N ASP A 224 19.23 -6.77 2.97
CA ASP A 224 19.10 -8.06 2.33
C ASP A 224 18.08 -7.88 1.17
N ILE A 225 18.60 -7.78 -0.05
CA ILE A 225 17.79 -7.59 -1.25
C ILE A 225 17.90 -8.87 -2.08
N ARG A 226 16.76 -9.51 -2.30
CA ARG A 226 16.73 -10.75 -3.04
C ARG A 226 16.55 -10.47 -4.52
N GLU A 227 17.37 -11.10 -5.36
CA GLU A 227 17.26 -10.93 -6.82
CA GLU A 227 17.23 -10.94 -6.81
C GLU A 227 16.16 -11.87 -7.28
N GLU A 228 15.21 -11.34 -8.03
CA GLU A 228 14.08 -12.10 -8.52
C GLU A 228 14.13 -12.22 -10.04
N PRO A 229 13.28 -13.07 -10.62
CA PRO A 229 13.23 -13.13 -12.09
C PRO A 229 12.68 -11.81 -12.68
N ASN A 230 12.78 -11.65 -14.01
CA ASN A 230 12.21 -10.49 -14.73
C ASN A 230 12.80 -9.11 -14.31
N GLY A 231 14.06 -9.10 -13.89
CA GLY A 231 14.78 -7.90 -13.47
C GLY A 231 14.26 -7.24 -12.20
N LEU A 232 13.51 -7.99 -11.39
CA LEU A 232 12.96 -7.46 -10.13
C LEU A 232 13.80 -7.86 -8.92
N GLN A 233 13.54 -7.19 -7.80
CA GLN A 233 14.15 -7.52 -6.52
C GLN A 233 13.04 -7.60 -5.48
N SER A 234 13.35 -8.15 -4.31
CA SER A 234 12.39 -8.14 -3.22
C SER A 234 13.03 -8.04 -1.86
N ILE A 235 12.24 -7.54 -0.91
CA ILE A 235 12.64 -7.41 0.49
C ILE A 235 11.54 -8.06 1.35
N GLY A 236 11.94 -8.61 2.48
CA GLY A 236 11.02 -9.27 3.42
C GLY A 236 9.99 -8.35 4.01
N GLY A 237 8.80 -8.93 4.14
CA GLY A 237 7.67 -8.22 4.70
C GLY A 237 6.61 -9.15 5.25
N TRP A 238 5.43 -8.59 5.45
CA TRP A 238 4.28 -9.31 5.98
C TRP A 238 3.06 -9.02 5.14
N LEU A 239 2.22 -10.03 5.00
CA LEU A 239 0.93 -9.90 4.34
C LEU A 239 -0.13 -10.20 5.39
N LEU A 240 -0.96 -9.21 5.69
CA LEU A 240 -2.03 -9.34 6.67
C LEU A 240 -3.37 -9.28 5.92
N SER A 241 -4.25 -10.20 6.31
CA SER A 241 -5.64 -10.28 5.82
C SER A 241 -6.56 -10.16 7.04
N ALA A 242 -7.56 -9.27 6.93
CA ALA A 242 -8.49 -9.03 8.03
C ALA A 242 -9.85 -8.65 7.50
N HIS A 243 -10.83 -8.58 8.39
CA HIS A 243 -12.15 -8.19 7.96
C HIS A 243 -12.92 -7.63 9.13
N LEU A 244 -14.04 -7.01 8.81
CA LEU A 244 -15.02 -6.58 9.80
C LEU A 244 -16.07 -7.66 9.91
N GLY A 245 -16.45 -7.99 11.12
CA GLY A 245 -17.47 -9.01 11.34
C GLY A 245 -17.78 -9.21 12.82
#